data_4URS
#
_entry.id   4URS
#
_cell.length_a   37.150
_cell.length_b   37.140
_cell.length_c   62.280
_cell.angle_alpha   95.48
_cell.angle_beta   100.23
_cell.angle_gamma   107.78
#
_symmetry.space_group_name_H-M   'P 1'
#
loop_
_entity.id
_entity.type
_entity.pdbx_description
1 polymer 'DIGUANYLATE CYCLASE'
2 non-polymer GLYCEROL
3 non-polymer '2-(N-MORPHOLINO)-ETHANESULFONIC ACID'
4 non-polymer "9,9'-[(2R,3R,3aS,5S,7aR,9R,10R,10aS,12S,14aR)-3,5,10,12-tetrahydroxy-5,12-dioxidooctahydro-2H,7H-difuro[3,2-d:3',2'-j][1,3,7,9,2,8]tetraoxadiphosphacyclododecine-2,9-diyl]bis(2-amino-1,9-dihydro-6H-purin-6-one)"
5 water water
#
_entity_poly.entity_id   1
_entity_poly.type   'polypeptide(L)'
_entity_poly.pdbx_seq_one_letter_code
;MGSSHHHHHHSSGLVPRGSHMKELEYMAYHDPLTGLPNRRYFFELGNRYLDLAKREGKKVFVLFVDLAGFKAINDTYGHL
SGDEVLKTVSKRILDRVRRSDVVARYGGDEFTILLYDMKEEYLKSLLERILSTFREPVRVENKHLSVTPNIGVARFPEDG
ENLEELLKVADMRMYKAKEMKVPYFSLS
;
_entity_poly.pdbx_strand_id   A,B
#
loop_
_chem_comp.id
_chem_comp.type
_chem_comp.name
_chem_comp.formula
C2E non-polymer 9,9'-[(2R,3R,3aS,5S,7aR,9R,10R,10aS,12S,14aR)-3,5,10,12-tetrahydroxy-5,12-dioxidooctahydro-2H,7H-difuro[3,2-d:3',2'-j][1,3,7,9,2,8]tetraoxadiphosphacyclododecine-2,9-diyl]bis(2-amino-1,9-dihydro-6H-purin-6-one) 'C20 H24 N10 O14 P2'
GOL non-polymer GLYCEROL 'C3 H8 O3'
MES non-polymer '2-(N-MORPHOLINO)-ETHANESULFONIC ACID' 'C6 H13 N O4 S'
#
# COMPACT_ATOMS: atom_id res chain seq x y z
N MET A 27 -6.54 -8.54 0.72
CA MET A 27 -5.44 -9.33 0.20
C MET A 27 -4.34 -8.42 -0.32
N ALA A 28 -3.12 -8.98 -0.55
CA ALA A 28 -1.97 -8.31 -1.17
C ALA A 28 -0.81 -9.26 -1.50
N TYR A 29 -0.97 -9.96 -2.62
CA TYR A 29 -0.15 -10.98 -3.21
C TYR A 29 1.29 -10.56 -3.68
N HIS A 30 2.19 -11.52 -3.54
CA HIS A 30 3.57 -11.48 -3.89
C HIS A 30 3.81 -12.57 -4.92
N ASP A 31 4.81 -12.40 -5.77
CA ASP A 31 5.18 -13.44 -6.73
C ASP A 31 5.96 -14.50 -5.91
N PRO A 32 5.54 -15.78 -5.83
CA PRO A 32 6.25 -16.74 -4.96
C PRO A 32 7.73 -17.01 -5.26
N LEU A 33 8.13 -17.01 -6.55
CA LEU A 33 9.53 -17.27 -6.86
C LEU A 33 10.46 -16.13 -6.38
N THR A 34 10.22 -14.90 -6.85
CA THR A 34 11.06 -13.76 -6.48
C THR A 34 10.79 -13.21 -5.10
N GLY A 35 9.58 -13.45 -4.60
CA GLY A 35 9.13 -12.88 -3.33
C GLY A 35 8.75 -11.41 -3.40
N LEU A 36 8.85 -10.81 -4.58
CA LEU A 36 8.52 -9.38 -4.75
C LEU A 36 7.03 -9.17 -4.91
N PRO A 37 6.45 -8.00 -4.56
CA PRO A 37 5.02 -7.76 -4.90
C PRO A 37 4.77 -8.10 -6.38
N ASN A 38 3.57 -8.58 -6.72
CA ASN A 38 3.25 -8.90 -8.10
C ASN A 38 2.70 -7.64 -8.86
N ARG A 39 2.20 -7.83 -10.10
CA ARG A 39 1.69 -6.75 -10.96
C ARG A 39 0.48 -6.04 -10.37
N ARG A 40 -0.47 -6.84 -9.86
CA ARG A 40 -1.73 -6.33 -9.29
C ARG A 40 -1.51 -5.52 -7.96
N TYR A 41 -0.64 -6.00 -7.09
CA TYR A 41 -0.30 -5.34 -5.84
C TYR A 41 0.46 -4.04 -6.15
N PHE A 42 1.34 -4.04 -7.17
CA PHE A 42 2.11 -2.87 -7.61
C PHE A 42 1.19 -1.71 -8.03
N PHE A 43 0.06 -2.01 -8.73
CA PHE A 43 -0.94 -1.04 -9.19
C PHE A 43 -1.70 -0.43 -8.04
N GLU A 44 -2.11 -1.27 -7.10
CA GLU A 44 -2.85 -0.87 -5.92
C GLU A 44 -2.03 -0.02 -4.99
N LEU A 45 -0.83 -0.52 -4.65
CA LEU A 45 0.13 0.12 -3.77
C LEU A 45 0.66 1.36 -4.44
N GLY A 46 0.99 1.26 -5.72
CA GLY A 46 1.47 2.38 -6.52
C GLY A 46 0.51 3.54 -6.56
N ASN A 47 -0.79 3.28 -6.80
CA ASN A 47 -1.79 4.36 -6.81
C ASN A 47 -2.00 4.99 -5.44
N ARG A 48 -1.77 4.21 -4.37
CA ARG A 48 -1.80 4.70 -3.01
C ARG A 48 -0.61 5.62 -2.74
N TYR A 49 0.60 5.30 -3.27
CA TYR A 49 1.80 6.13 -3.06
C TYR A 49 1.64 7.47 -3.78
N LEU A 50 1.02 7.47 -5.00
CA LEU A 50 0.80 8.69 -5.77
C LEU A 50 -0.22 9.64 -5.09
N ASP A 51 -1.26 9.09 -4.43
CA ASP A 51 -2.29 9.83 -3.68
C ASP A 51 -1.66 10.50 -2.49
N LEU A 52 -0.75 9.79 -1.81
CA LEU A 52 -0.02 10.28 -0.64
C LEU A 52 0.98 11.34 -1.04
N ALA A 53 1.74 11.11 -2.13
CA ALA A 53 2.70 12.11 -2.62
C ALA A 53 2.02 13.43 -3.05
N LYS A 54 0.79 13.37 -3.62
CA LYS A 54 -0.02 14.53 -3.99
C LYS A 54 -0.33 15.34 -2.71
N ARG A 55 -0.64 14.62 -1.59
CA ARG A 55 -0.94 15.21 -0.27
C ARG A 55 0.31 15.82 0.40
N GLU A 56 1.50 15.18 0.22
CA GLU A 56 2.77 15.56 0.84
C GLU A 56 3.71 16.52 0.06
N GLY A 57 3.44 16.73 -1.23
CA GLY A 57 4.22 17.60 -2.10
C GLY A 57 5.57 16.99 -2.50
N LYS A 58 5.59 15.67 -2.59
CA LYS A 58 6.81 14.89 -2.86
C LYS A 58 6.78 14.26 -4.23
N LYS A 59 7.97 14.09 -4.81
CA LYS A 59 8.11 13.50 -6.12
C LYS A 59 8.10 11.96 -5.97
N VAL A 60 7.73 11.26 -7.06
CA VAL A 60 7.75 9.81 -7.16
C VAL A 60 8.29 9.46 -8.54
N PHE A 61 9.30 8.59 -8.60
CA PHE A 61 9.82 8.14 -9.87
C PHE A 61 9.36 6.71 -10.06
N VAL A 62 9.00 6.38 -11.30
CA VAL A 62 8.59 5.06 -11.72
C VAL A 62 9.62 4.56 -12.74
N LEU A 63 10.33 3.48 -12.43
CA LEU A 63 11.32 2.84 -13.30
C LEU A 63 10.69 1.59 -13.89
N PHE A 64 11.00 1.30 -15.15
CA PHE A 64 10.59 0.10 -15.86
C PHE A 64 11.88 -0.58 -16.24
N VAL A 65 12.10 -1.77 -15.68
CA VAL A 65 13.33 -2.52 -15.95
C VAL A 65 13.09 -3.77 -16.79
N ASP A 66 13.79 -3.85 -17.91
CA ASP A 66 13.77 -5.02 -18.78
C ASP A 66 15.16 -5.71 -18.71
N LEU A 67 15.17 -7.04 -18.59
CA LEU A 67 16.43 -7.77 -18.53
C LEU A 67 16.60 -8.50 -19.86
N ALA A 68 17.59 -8.06 -20.67
CA ALA A 68 17.84 -8.50 -22.04
C ALA A 68 18.21 -9.96 -22.36
N GLY A 69 19.27 -10.48 -21.71
CA GLY A 69 19.74 -11.84 -21.99
C GLY A 69 18.93 -12.97 -21.38
N PHE A 70 17.71 -12.69 -20.92
CA PHE A 70 16.83 -13.63 -20.25
C PHE A 70 16.29 -14.74 -21.12
N LYS A 71 15.74 -14.40 -22.30
CA LYS A 71 15.20 -15.36 -23.27
C LYS A 71 16.28 -16.40 -23.62
N ALA A 72 17.53 -15.92 -23.87
CA ALA A 72 18.72 -16.74 -24.13
C ALA A 72 19.04 -17.75 -23.03
N ILE A 73 18.81 -17.39 -21.73
CA ILE A 73 19.06 -18.24 -20.57
C ILE A 73 18.14 -19.44 -20.55
N ASN A 74 16.81 -19.19 -20.62
CA ASN A 74 15.76 -20.22 -20.61
C ASN A 74 15.83 -21.08 -21.83
N ASP A 75 16.06 -20.49 -23.01
CA ASP A 75 16.18 -21.26 -24.24
C ASP A 75 17.38 -22.21 -24.21
N THR A 76 18.57 -21.74 -23.71
CA THR A 76 19.79 -22.57 -23.60
C THR A 76 19.76 -23.53 -22.41
N TYR A 77 19.46 -23.02 -21.20
CA TYR A 77 19.52 -23.83 -19.98
C TYR A 77 18.24 -24.36 -19.42
N GLY A 78 17.12 -23.77 -19.80
CA GLY A 78 15.81 -24.17 -19.29
C GLY A 78 15.25 -23.14 -18.33
N HIS A 79 13.91 -23.18 -18.15
CA HIS A 79 13.13 -22.30 -17.27
C HIS A 79 13.62 -22.27 -15.83
N LEU A 80 14.16 -23.38 -15.34
CA LEU A 80 14.71 -23.47 -13.99
C LEU A 80 15.94 -22.59 -13.77
N SER A 81 16.81 -22.47 -14.78
CA SER A 81 18.03 -21.63 -14.72
C SER A 81 17.65 -20.15 -14.79
N GLY A 82 16.71 -19.83 -15.69
CA GLY A 82 16.10 -18.51 -15.82
C GLY A 82 15.48 -18.03 -14.52
N ASP A 83 14.76 -18.94 -13.81
CA ASP A 83 14.16 -18.70 -12.48
C ASP A 83 15.22 -18.30 -11.42
N GLU A 84 16.36 -19.02 -11.36
CA GLU A 84 17.46 -18.70 -10.43
C GLU A 84 18.08 -17.35 -10.72
N VAL A 85 18.12 -16.94 -12.02
CA VAL A 85 18.62 -15.64 -12.44
C VAL A 85 17.65 -14.58 -11.91
N LEU A 86 16.34 -14.83 -11.96
CA LEU A 86 15.34 -13.89 -11.43
C LEU A 86 15.38 -13.77 -9.90
N LYS A 87 15.32 -14.91 -9.15
CA LYS A 87 15.40 -14.91 -7.67
C LYS A 87 16.57 -14.03 -7.21
N THR A 88 17.80 -14.34 -7.68
CA THR A 88 19.02 -13.61 -7.36
C THR A 88 18.97 -12.13 -7.73
N VAL A 89 18.49 -11.82 -8.94
CA VAL A 89 18.40 -10.44 -9.42
C VAL A 89 17.37 -9.64 -8.62
N SER A 90 16.26 -10.29 -8.23
CA SER A 90 15.18 -9.73 -7.42
C SER A 90 15.67 -9.37 -6.02
N LYS A 91 16.34 -10.34 -5.34
CA LYS A 91 16.92 -10.17 -4.00
C LYS A 91 17.94 -9.03 -3.99
N ARG A 92 18.86 -9.02 -4.98
CA ARG A 92 19.88 -7.96 -5.09
C ARG A 92 19.26 -6.56 -5.16
N ILE A 93 18.28 -6.37 -6.07
CA ILE A 93 17.59 -5.09 -6.27
C ILE A 93 16.87 -4.63 -5.02
N LEU A 94 16.16 -5.53 -4.31
CA LEU A 94 15.50 -5.20 -3.05
C LEU A 94 16.50 -4.54 -2.10
N ASP A 95 17.61 -5.25 -1.83
CA ASP A 95 18.74 -4.89 -0.97
C ASP A 95 19.32 -3.47 -1.22
N ARG A 96 19.18 -2.96 -2.43
CA ARG A 96 19.77 -1.69 -2.85
C ARG A 96 18.83 -0.50 -2.91
N VAL A 97 17.56 -0.70 -2.53
CA VAL A 97 16.58 0.38 -2.47
C VAL A 97 15.84 0.30 -1.16
N ARG A 98 15.31 1.43 -0.68
CA ARG A 98 14.63 1.51 0.62
C ARG A 98 13.46 0.55 0.73
N ARG A 99 13.25 -0.03 1.92
CA ARG A 99 12.15 -0.96 2.16
C ARG A 99 10.78 -0.29 1.88
N SER A 100 10.74 1.05 2.01
CA SER A 100 9.59 1.93 1.80
C SER A 100 9.28 2.13 0.27
N ASP A 101 10.24 1.82 -0.61
CA ASP A 101 10.08 1.84 -2.05
C ASP A 101 9.48 0.48 -2.46
N VAL A 102 8.83 0.43 -3.66
CA VAL A 102 8.15 -0.76 -4.19
C VAL A 102 8.99 -1.30 -5.35
N VAL A 103 9.31 -2.60 -5.31
CA VAL A 103 10.03 -3.33 -6.35
C VAL A 103 9.08 -4.46 -6.70
N ALA A 104 8.59 -4.50 -7.91
CA ALA A 104 7.62 -5.52 -8.29
C ALA A 104 8.00 -6.28 -9.50
N ARG A 105 7.55 -7.54 -9.55
CA ARG A 105 7.73 -8.32 -10.75
C ARG A 105 6.53 -7.98 -11.60
N TYR A 106 6.78 -7.28 -12.69
CA TYR A 106 5.71 -6.87 -13.59
C TYR A 106 5.35 -8.01 -14.57
N GLY A 107 6.32 -8.51 -15.31
CA GLY A 107 6.12 -9.59 -16.28
C GLY A 107 7.07 -10.71 -16.00
N GLY A 108 7.31 -11.55 -16.99
CA GLY A 108 8.24 -12.67 -16.86
C GLY A 108 9.64 -12.23 -16.48
N ASP A 109 10.17 -11.21 -17.14
CA ASP A 109 11.49 -10.68 -16.82
C ASP A 109 11.49 -9.14 -16.80
N GLU A 110 10.34 -8.56 -16.50
CA GLU A 110 10.18 -7.12 -16.41
C GLU A 110 9.89 -6.76 -14.97
N PHE A 111 10.59 -5.74 -14.46
CA PHE A 111 10.45 -5.26 -13.08
C PHE A 111 10.07 -3.78 -13.07
N THR A 112 9.17 -3.39 -12.16
CA THR A 112 8.78 -2.01 -12.02
C THR A 112 9.17 -1.57 -10.64
N ILE A 113 9.73 -0.34 -10.56
CA ILE A 113 10.20 0.24 -9.30
C ILE A 113 9.54 1.60 -9.04
N LEU A 114 9.01 1.78 -7.81
CA LEU A 114 8.39 2.98 -7.38
C LEU A 114 9.23 3.52 -6.23
N LEU A 115 9.88 4.68 -6.50
CA LEU A 115 10.75 5.39 -5.60
C LEU A 115 10.02 6.61 -5.09
N TYR A 116 9.59 6.55 -3.83
CA TYR A 116 8.88 7.62 -3.15
C TYR A 116 9.87 8.66 -2.62
N ASP A 117 9.53 9.95 -2.80
CA ASP A 117 10.31 11.12 -2.36
C ASP A 117 11.69 11.15 -3.04
N MET A 118 11.69 10.96 -4.35
CA MET A 118 12.91 10.94 -5.18
C MET A 118 13.25 12.37 -5.66
N LYS A 119 14.55 12.63 -5.94
CA LYS A 119 14.98 13.94 -6.45
C LYS A 119 15.67 13.81 -7.80
N GLU A 120 15.24 14.60 -8.77
CA GLU A 120 15.71 14.67 -10.16
C GLU A 120 17.22 14.77 -10.28
N GLU A 121 17.88 15.55 -9.37
CA GLU A 121 19.34 15.79 -9.33
C GLU A 121 20.11 14.50 -9.15
N TYR A 122 19.59 13.62 -8.28
CA TYR A 122 20.24 12.35 -7.98
C TYR A 122 19.70 11.15 -8.76
N LEU A 123 18.92 11.40 -9.84
CA LEU A 123 18.40 10.37 -10.74
C LEU A 123 19.54 9.51 -11.30
N LYS A 124 20.48 10.14 -12.03
CA LYS A 124 21.64 9.50 -12.64
C LYS A 124 22.46 8.64 -11.66
N SER A 125 22.64 9.12 -10.43
CA SER A 125 23.41 8.42 -9.39
C SER A 125 22.69 7.19 -8.87
N LEU A 126 21.37 7.27 -8.69
CA LEU A 126 20.51 6.15 -8.26
C LEU A 126 20.38 5.07 -9.38
N LEU A 127 20.40 5.48 -10.65
CA LEU A 127 20.36 4.56 -11.79
C LEU A 127 21.63 3.74 -11.88
N GLU A 128 22.82 4.35 -11.66
CA GLU A 128 24.07 3.61 -11.67
C GLU A 128 24.16 2.60 -10.51
N ARG A 129 23.43 2.82 -9.40
CA ARG A 129 23.37 1.89 -8.27
C ARG A 129 22.56 0.61 -8.65
N ILE A 130 21.39 0.82 -9.29
CA ILE A 130 20.48 -0.20 -9.79
C ILE A 130 21.08 -0.93 -11.02
N LEU A 131 21.74 -0.18 -11.93
CA LEU A 131 22.35 -0.77 -13.11
C LEU A 131 23.48 -1.70 -12.72
N SER A 132 24.39 -1.25 -11.82
CA SER A 132 25.48 -2.08 -11.29
C SER A 132 24.97 -3.34 -10.59
N THR A 133 23.81 -3.28 -9.85
CA THR A 133 23.25 -4.47 -9.22
C THR A 133 22.78 -5.51 -10.25
N PHE A 134 21.80 -5.15 -11.12
CA PHE A 134 21.26 -5.98 -12.21
C PHE A 134 22.37 -6.63 -13.06
N ARG A 135 23.45 -5.88 -13.37
CA ARG A 135 24.59 -6.32 -14.18
C ARG A 135 25.43 -7.44 -13.56
N GLU A 136 25.40 -7.57 -12.21
CA GLU A 136 26.16 -8.58 -11.45
C GLU A 136 25.87 -9.99 -11.96
N PRO A 137 26.91 -10.81 -12.29
CA PRO A 137 26.63 -12.17 -12.78
C PRO A 137 26.08 -13.09 -11.69
N VAL A 138 25.25 -14.07 -12.10
CA VAL A 138 24.57 -15.04 -11.23
C VAL A 138 25.09 -16.47 -11.45
N ARG A 139 25.47 -17.13 -10.34
CA ARG A 139 25.95 -18.52 -10.30
C ARG A 139 24.79 -19.49 -10.60
N VAL A 140 24.81 -20.15 -11.77
CA VAL A 140 23.76 -21.11 -12.14
C VAL A 140 24.40 -22.42 -12.57
N GLU A 141 24.15 -23.51 -11.81
CA GLU A 141 24.70 -24.85 -12.08
C GLU A 141 26.21 -24.79 -12.46
N ASN A 142 27.00 -24.08 -11.63
CA ASN A 142 28.44 -23.83 -11.79
C ASN A 142 28.78 -22.69 -12.73
N LYS A 143 27.86 -22.36 -13.66
CA LYS A 143 28.03 -21.29 -14.63
C LYS A 143 27.76 -19.92 -14.00
N HIS A 144 28.36 -18.87 -14.57
CA HIS A 144 28.13 -17.50 -14.16
C HIS A 144 27.46 -16.83 -15.34
N LEU A 145 26.14 -16.61 -15.21
CA LEU A 145 25.29 -16.02 -16.25
C LEU A 145 24.97 -14.56 -15.94
N SER A 146 24.78 -13.76 -16.97
CA SER A 146 24.55 -12.33 -16.81
C SER A 146 23.40 -11.82 -17.67
N VAL A 147 22.60 -10.91 -17.10
CA VAL A 147 21.51 -10.24 -17.82
C VAL A 147 21.92 -8.79 -18.04
N THR A 148 21.43 -8.17 -19.10
CA THR A 148 21.71 -6.77 -19.35
C THR A 148 20.44 -5.90 -19.17
N PRO A 149 20.45 -4.93 -18.25
CA PRO A 149 19.24 -4.11 -18.05
C PRO A 149 19.12 -2.93 -18.99
N ASN A 150 17.86 -2.51 -19.22
CA ASN A 150 17.45 -1.30 -19.95
C ASN A 150 16.37 -0.70 -19.09
N ILE A 151 16.55 0.56 -18.69
CA ILE A 151 15.67 1.25 -17.76
C ILE A 151 15.03 2.47 -18.36
N GLY A 152 13.72 2.53 -18.24
CA GLY A 152 12.87 3.65 -18.59
C GLY A 152 12.48 4.34 -17.32
N VAL A 153 12.52 5.68 -17.30
CA VAL A 153 12.24 6.46 -16.08
C VAL A 153 11.08 7.42 -16.31
N ALA A 154 10.10 7.43 -15.39
CA ALA A 154 9.00 8.40 -15.48
C ALA A 154 8.87 9.06 -14.12
N ARG A 155 8.51 10.34 -14.11
CA ARG A 155 8.43 11.16 -12.89
C ARG A 155 7.01 11.63 -12.65
N PHE A 156 6.62 11.62 -11.38
CA PHE A 156 5.36 12.15 -10.91
C PHE A 156 5.67 13.49 -10.20
N PRO A 157 4.97 14.63 -10.46
CA PRO A 157 3.80 14.85 -11.33
C PRO A 157 4.05 15.20 -12.80
N GLU A 158 5.31 15.32 -13.24
CA GLU A 158 5.64 15.70 -14.62
C GLU A 158 5.08 14.79 -15.72
N ASP A 159 5.27 13.46 -15.59
CA ASP A 159 4.82 12.49 -16.59
C ASP A 159 3.36 11.97 -16.52
N GLY A 160 2.66 12.25 -15.43
CA GLY A 160 1.28 11.79 -15.26
C GLY A 160 0.64 12.00 -13.91
N GLU A 161 -0.65 11.68 -13.82
CA GLU A 161 -1.51 11.86 -12.64
C GLU A 161 -1.74 10.55 -11.88
N ASN A 162 -1.75 9.42 -12.62
CA ASN A 162 -1.95 8.09 -12.07
C ASN A 162 -0.91 7.10 -12.61
N LEU A 163 -0.72 5.99 -11.87
CA LEU A 163 0.27 4.96 -12.13
C LEU A 163 0.29 4.44 -13.54
N GLU A 164 -0.89 4.22 -14.08
CA GLU A 164 -1.16 3.72 -15.42
C GLU A 164 -0.41 4.58 -16.47
N GLU A 165 -0.57 5.92 -16.38
CA GLU A 165 0.08 6.90 -17.26
C GLU A 165 1.57 6.91 -17.05
N LEU A 166 2.06 6.83 -15.80
CA LEU A 166 3.50 6.83 -15.54
C LEU A 166 4.17 5.57 -16.07
N LEU A 167 3.46 4.42 -16.00
CA LEU A 167 3.98 3.12 -16.46
C LEU A 167 4.08 3.01 -17.96
N LYS A 168 3.17 3.65 -18.69
CA LYS A 168 3.12 3.66 -20.16
C LYS A 168 4.29 4.52 -20.67
N VAL A 169 4.59 5.62 -19.97
CA VAL A 169 5.68 6.53 -20.27
C VAL A 169 7.03 5.85 -19.96
N ALA A 170 7.16 5.19 -18.78
CA ALA A 170 8.38 4.48 -18.35
C ALA A 170 8.63 3.26 -19.25
N ASP A 171 7.54 2.64 -19.75
CA ASP A 171 7.62 1.48 -20.64
C ASP A 171 8.21 1.88 -21.98
N MET A 172 7.64 2.95 -22.56
CA MET A 172 7.99 3.67 -23.79
C MET A 172 9.48 4.08 -23.72
N ARG A 173 9.90 4.81 -22.66
CA ARG A 173 11.32 5.20 -22.45
C ARG A 173 12.27 4.02 -22.26
N MET A 174 11.83 2.92 -21.62
CA MET A 174 12.65 1.70 -21.46
C MET A 174 12.97 1.12 -22.85
N TYR A 175 11.98 1.15 -23.74
CA TYR A 175 12.15 0.70 -25.12
C TYR A 175 13.03 1.63 -25.97
N LYS A 176 13.02 2.93 -25.70
CA LYS A 176 13.90 3.91 -26.37
C LYS A 176 15.34 3.66 -25.94
N ALA A 177 15.57 3.27 -24.66
CA ALA A 177 16.89 2.95 -24.10
C ALA A 177 17.53 1.72 -24.75
N LYS A 178 16.72 0.66 -24.95
CA LYS A 178 17.13 -0.61 -25.56
C LYS A 178 17.56 -0.36 -27.02
N GLU A 179 16.82 0.53 -27.73
CA GLU A 179 17.00 0.99 -29.11
C GLU A 179 18.28 1.83 -29.27
N MET A 180 18.58 2.70 -28.28
CA MET A 180 19.77 3.56 -28.30
C MET A 180 20.98 2.80 -27.72
N LYS A 181 20.76 1.54 -27.30
CA LYS A 181 21.76 0.63 -26.71
C LYS A 181 22.46 1.28 -25.48
N VAL A 182 21.70 2.18 -24.83
CA VAL A 182 22.08 2.89 -23.63
C VAL A 182 21.39 2.17 -22.46
N PRO A 183 21.97 2.11 -21.25
CA PRO A 183 21.30 1.38 -20.16
C PRO A 183 20.04 2.06 -19.60
N TYR A 184 19.85 3.38 -19.85
CA TYR A 184 18.68 4.11 -19.37
C TYR A 184 18.27 5.29 -20.23
N PHE A 185 16.96 5.60 -20.23
CA PHE A 185 16.37 6.74 -20.93
C PHE A 185 15.33 7.39 -20.02
N SER A 186 15.48 8.71 -19.75
CA SER A 186 14.61 9.45 -18.85
C SER A 186 14.11 10.82 -19.37
N LEU A 187 14.45 11.22 -20.59
CA LEU A 187 14.05 12.53 -21.10
C LEU A 187 12.61 12.63 -21.61
N SER A 188 11.98 13.81 -21.46
CA SER A 188 10.64 14.14 -21.95
C SER A 188 10.58 14.14 -23.50
N MET B 27 -1.71 -8.79 -6.09
CA MET B 27 -3.13 -8.55 -5.81
C MET B 27 -3.28 -7.59 -4.66
N ALA B 28 -4.52 -7.06 -4.43
CA ALA B 28 -4.89 -6.20 -3.31
C ALA B 28 -6.41 -5.96 -3.21
N TYR B 29 -7.07 -6.94 -2.59
CA TYR B 29 -8.49 -7.12 -2.37
C TYR B 29 -9.22 -6.08 -1.47
N HIS B 30 -10.46 -5.85 -1.81
CA HIS B 30 -11.41 -4.97 -1.18
C HIS B 30 -12.59 -5.82 -0.74
N ASP B 31 -13.29 -5.39 0.29
CA ASP B 31 -14.50 -6.08 0.73
C ASP B 31 -15.60 -5.66 -0.31
N PRO B 32 -16.25 -6.59 -1.05
CA PRO B 32 -17.22 -6.16 -2.07
C PRO B 32 -18.44 -5.36 -1.60
N LEU B 33 -18.98 -5.65 -0.41
CA LEU B 33 -20.15 -4.90 0.06
C LEU B 33 -19.80 -3.44 0.37
N THR B 34 -18.85 -3.20 1.28
CA THR B 34 -18.49 -1.83 1.68
C THR B 34 -17.60 -1.12 0.67
N GLY B 35 -16.90 -1.89 -0.16
CA GLY B 35 -15.92 -1.34 -1.09
C GLY B 35 -14.60 -0.93 -0.44
N LEU B 36 -14.49 -1.09 0.90
CA LEU B 36 -13.27 -0.68 1.63
C LEU B 36 -12.18 -1.73 1.53
N PRO B 37 -10.88 -1.41 1.62
CA PRO B 37 -9.87 -2.48 1.71
C PRO B 37 -10.27 -3.51 2.78
N ASN B 38 -9.94 -4.80 2.56
CA ASN B 38 -10.25 -5.84 3.55
C ASN B 38 -9.14 -5.92 4.64
N ARG B 39 -9.22 -6.95 5.52
CA ARG B 39 -8.29 -7.15 6.64
C ARG B 39 -6.85 -7.39 6.20
N ARG B 40 -6.69 -8.27 5.21
CA ARG B 40 -5.37 -8.64 4.68
CA ARG B 40 -5.36 -8.64 4.69
C ARG B 40 -4.66 -7.49 3.94
N TYR B 41 -5.39 -6.72 3.15
CA TYR B 41 -4.85 -5.58 2.43
C TYR B 41 -4.46 -4.50 3.45
N PHE B 42 -5.25 -4.30 4.54
CA PHE B 42 -4.99 -3.34 5.62
C PHE B 42 -3.64 -3.62 6.31
N PHE B 43 -3.27 -4.92 6.53
CA PHE B 43 -2.02 -5.35 7.14
C PHE B 43 -0.84 -5.08 6.25
N GLU B 44 -0.99 -5.37 4.94
CA GLU B 44 0.05 -5.19 3.95
C GLU B 44 0.34 -3.72 3.71
N LEU B 45 -0.72 -2.96 3.46
CA LEU B 45 -0.69 -1.54 3.21
C LEU B 45 -0.27 -0.80 4.48
N GLY B 46 -0.83 -1.20 5.60
CA GLY B 46 -0.49 -0.64 6.90
C GLY B 46 0.98 -0.78 7.24
N ASN B 47 1.58 -1.96 7.03
CA ASN B 47 3.02 -2.13 7.31
C ASN B 47 3.92 -1.35 6.34
N ARG B 48 3.42 -1.10 5.12
CA ARG B 48 4.07 -0.24 4.16
C ARG B 48 4.02 1.21 4.61
N TYR B 49 2.90 1.69 5.21
CA TYR B 49 2.78 3.09 5.67
C TYR B 49 3.70 3.33 6.85
N LEU B 50 3.85 2.34 7.76
CA LEU B 50 4.72 2.46 8.93
C LEU B 50 6.21 2.52 8.53
N ASP B 51 6.63 1.76 7.47
CA ASP B 51 7.99 1.74 6.92
C ASP B 51 8.33 3.10 6.33
N LEU B 52 7.35 3.69 5.62
CA LEU B 52 7.48 4.99 4.99
C LEU B 52 7.53 6.09 6.02
N ALA B 53 6.65 6.04 7.05
CA ALA B 53 6.65 7.04 8.12
C ALA B 53 7.97 7.02 8.93
N LYS B 54 8.62 5.84 9.10
CA LYS B 54 9.91 5.67 9.77
C LYS B 54 10.97 6.45 8.95
N ARG B 55 10.87 6.36 7.60
CA ARG B 55 11.77 7.03 6.65
C ARG B 55 11.54 8.56 6.62
N GLU B 56 10.27 9.02 6.74
CA GLU B 56 9.85 10.42 6.67
C GLU B 56 9.79 11.24 7.98
N GLY B 57 9.85 10.56 9.12
CA GLY B 57 9.79 11.19 10.46
C GLY B 57 8.39 11.67 10.82
N LYS B 58 7.38 10.99 10.29
CA LYS B 58 5.98 11.35 10.46
C LYS B 58 5.25 10.38 11.37
N LYS B 59 4.25 10.91 12.08
CA LYS B 59 3.43 10.11 12.98
C LYS B 59 2.34 9.38 12.18
N VAL B 60 1.85 8.26 12.72
CA VAL B 60 0.75 7.47 12.16
C VAL B 60 -0.15 7.07 13.32
N PHE B 61 -1.44 7.33 13.21
CA PHE B 61 -2.39 6.90 14.24
C PHE B 61 -3.18 5.75 13.65
N VAL B 62 -3.45 4.76 14.51
CA VAL B 62 -4.23 3.59 14.19
C VAL B 62 -5.48 3.62 15.06
N LEU B 63 -6.65 3.76 14.46
CA LEU B 63 -7.93 3.73 15.16
C LEU B 63 -8.57 2.35 14.94
N PHE B 64 -9.20 1.80 16.00
CA PHE B 64 -9.95 0.54 15.98
C PHE B 64 -11.37 0.96 16.34
N VAL B 65 -12.30 0.82 15.39
CA VAL B 65 -13.70 1.24 15.57
C VAL B 65 -14.68 0.06 15.67
N ASP B 66 -15.34 -0.07 16.80
CA ASP B 66 -16.39 -1.08 16.99
C ASP B 66 -17.77 -0.42 16.89
N LEU B 67 -18.69 -1.03 16.15
CA LEU B 67 -20.04 -0.50 15.99
C LEU B 67 -20.99 -1.36 16.77
N ALA B 68 -21.49 -0.78 17.86
CA ALA B 68 -22.48 -1.45 18.70
C ALA B 68 -23.86 -1.21 18.10
N GLY B 69 -24.77 -2.13 18.37
CA GLY B 69 -26.12 -2.07 17.82
C GLY B 69 -26.23 -2.87 16.56
N PHE B 70 -25.08 -3.22 16.00
CA PHE B 70 -25.05 -4.00 14.79
C PHE B 70 -25.70 -5.38 14.91
N LYS B 71 -25.35 -6.15 15.95
CA LYS B 71 -25.92 -7.49 16.21
C LYS B 71 -27.44 -7.39 16.30
N ALA B 72 -27.95 -6.37 17.04
CA ALA B 72 -29.37 -6.04 17.20
C ALA B 72 -30.10 -5.77 15.88
N ILE B 73 -29.42 -5.16 14.87
CA ILE B 73 -29.98 -4.82 13.56
C ILE B 73 -30.27 -6.09 12.78
N ASN B 74 -29.26 -6.96 12.61
CA ASN B 74 -29.34 -8.23 11.87
C ASN B 74 -30.28 -9.19 12.55
N ASP B 75 -30.23 -9.29 13.89
CA ASP B 75 -31.13 -10.18 14.62
C ASP B 75 -32.60 -9.76 14.46
N THR B 76 -32.90 -8.45 14.54
CA THR B 76 -34.27 -7.92 14.38
C THR B 76 -34.73 -7.84 12.92
N TYR B 77 -33.92 -7.22 12.05
CA TYR B 77 -34.31 -6.99 10.66
C TYR B 77 -33.76 -7.90 9.60
N GLY B 78 -32.68 -8.61 9.91
CA GLY B 78 -32.02 -9.51 8.96
C GLY B 78 -30.70 -8.95 8.47
N HIS B 79 -29.83 -9.87 7.95
CA HIS B 79 -28.50 -9.55 7.44
CA HIS B 79 -28.50 -9.58 7.40
C HIS B 79 -28.51 -8.50 6.33
N LEU B 80 -29.58 -8.43 5.53
CA LEU B 80 -29.70 -7.44 4.47
C LEU B 80 -29.78 -6.01 5.00
N SER B 81 -30.47 -5.78 6.13
CA SER B 81 -30.61 -4.45 6.75
C SER B 81 -29.28 -4.04 7.37
N GLY B 82 -28.63 -4.98 8.06
CA GLY B 82 -27.29 -4.82 8.64
C GLY B 82 -26.26 -4.44 7.58
N ASP B 83 -26.31 -5.11 6.40
CA ASP B 83 -25.46 -4.81 5.24
C ASP B 83 -25.62 -3.34 4.75
N GLU B 84 -26.87 -2.83 4.62
CA GLU B 84 -27.13 -1.46 4.22
C GLU B 84 -26.60 -0.45 5.21
N VAL B 85 -26.63 -0.80 6.53
CA VAL B 85 -26.07 0.02 7.62
C VAL B 85 -24.55 0.10 7.42
N LEU B 86 -23.90 -1.03 7.05
CA LEU B 86 -22.45 -1.03 6.79
C LEU B 86 -22.06 -0.24 5.55
N LYS B 87 -22.69 -0.52 4.37
CA LYS B 87 -22.41 0.20 3.11
C LYS B 87 -22.42 1.72 3.36
N THR B 88 -23.54 2.23 3.88
CA THR B 88 -23.74 3.64 4.20
C THR B 88 -22.72 4.19 5.18
N VAL B 89 -22.48 3.49 6.29
CA VAL B 89 -21.51 3.91 7.29
C VAL B 89 -20.04 3.90 6.76
N SER B 90 -19.73 2.93 5.88
CA SER B 90 -18.43 2.81 5.22
C SER B 90 -18.19 3.98 4.26
N LYS B 91 -19.18 4.28 3.39
CA LYS B 91 -19.14 5.41 2.43
C LYS B 91 -18.98 6.73 3.16
N ARG B 92 -19.77 6.96 4.23
CA ARG B 92 -19.70 8.19 5.02
C ARG B 92 -18.29 8.42 5.59
N ILE B 93 -17.71 7.38 6.23
CA ILE B 93 -16.37 7.46 6.81
C ILE B 93 -15.29 7.72 5.77
N LEU B 94 -15.43 7.10 4.58
CA LEU B 94 -14.54 7.23 3.44
C LEU B 94 -14.43 8.67 2.89
N ASP B 95 -15.52 9.46 2.99
CA ASP B 95 -15.55 10.86 2.51
C ASP B 95 -15.05 11.84 3.56
N ARG B 96 -14.98 11.44 4.83
CA ARG B 96 -14.56 12.31 5.93
C ARG B 96 -13.08 12.21 6.34
N VAL B 97 -12.32 11.26 5.71
CA VAL B 97 -10.87 11.15 5.93
C VAL B 97 -10.20 11.24 4.55
N ARG B 98 -8.91 11.58 4.49
CA ARG B 98 -8.14 11.73 3.25
C ARG B 98 -8.06 10.44 2.47
N ARG B 99 -8.10 10.53 1.13
CA ARG B 99 -8.01 9.35 0.26
C ARG B 99 -6.70 8.58 0.48
N SER B 100 -5.66 9.29 0.95
CA SER B 100 -4.32 8.81 1.28
C SER B 100 -4.30 8.00 2.62
N ASP B 101 -5.34 8.14 3.45
CA ASP B 101 -5.54 7.38 4.69
C ASP B 101 -6.23 6.06 4.29
N VAL B 102 -6.09 5.03 5.16
CA VAL B 102 -6.64 3.69 4.96
C VAL B 102 -7.82 3.50 5.91
N VAL B 103 -8.97 3.08 5.36
CA VAL B 103 -10.19 2.77 6.09
C VAL B 103 -10.46 1.35 5.67
N ALA B 104 -10.45 0.42 6.58
CA ALA B 104 -10.64 -0.98 6.23
C ALA B 104 -11.70 -1.64 7.02
N ARG B 105 -12.33 -2.64 6.39
CA ARG B 105 -13.29 -3.45 7.11
C ARG B 105 -12.44 -4.52 7.72
N TYR B 106 -12.33 -4.49 9.05
CA TYR B 106 -11.54 -5.46 9.77
C TYR B 106 -12.34 -6.75 10.03
N GLY B 107 -13.50 -6.63 10.66
CA GLY B 107 -14.38 -7.76 10.97
C GLY B 107 -15.74 -7.52 10.42
N GLY B 108 -16.73 -8.23 10.94
CA GLY B 108 -18.11 -8.05 10.51
C GLY B 108 -18.62 -6.63 10.68
N ASP B 109 -18.32 -6.03 11.85
CA ASP B 109 -18.76 -4.70 12.25
C ASP B 109 -17.61 -3.90 12.90
N GLU B 110 -16.38 -4.29 12.58
CA GLU B 110 -15.20 -3.63 13.10
C GLU B 110 -14.46 -2.99 11.95
N PHE B 111 -14.06 -1.73 12.12
CA PHE B 111 -13.31 -0.94 11.12
C PHE B 111 -11.98 -0.47 11.69
N THR B 112 -10.92 -0.52 10.89
CA THR B 112 -9.61 -0.05 11.32
C THR B 112 -9.25 1.08 10.40
N ILE B 113 -8.71 2.17 11.01
CA ILE B 113 -8.31 3.38 10.29
C ILE B 113 -6.83 3.71 10.53
N LEU B 114 -6.11 3.99 9.42
CA LEU B 114 -4.72 4.35 9.46
C LEU B 114 -4.63 5.76 8.88
N LEU B 115 -4.26 6.69 9.77
CA LEU B 115 -4.11 8.10 9.51
C LEU B 115 -2.63 8.43 9.45
N TYR B 116 -2.13 8.65 8.25
CA TYR B 116 -0.74 9.00 7.98
C TYR B 116 -0.51 10.50 8.20
N ASP B 117 0.61 10.83 8.86
CA ASP B 117 1.06 12.20 9.16
C ASP B 117 0.04 12.91 10.07
N MET B 118 -0.37 12.22 11.14
CA MET B 118 -1.35 12.73 12.10
C MET B 118 -0.63 13.48 13.24
N LYS B 119 -1.33 14.43 13.91
CA LYS B 119 -0.73 15.17 15.03
C LYS B 119 -1.56 14.99 16.28
N GLU B 120 -0.86 14.61 17.37
CA GLU B 120 -1.35 14.39 18.71
C GLU B 120 -2.31 15.48 19.17
N GLU B 121 -2.04 16.76 18.82
CA GLU B 121 -2.87 17.90 19.24
C GLU B 121 -4.28 17.88 18.65
N TYR B 122 -4.38 17.55 17.35
CA TYR B 122 -5.64 17.48 16.63
C TYR B 122 -6.42 16.16 16.85
N LEU B 123 -5.90 15.22 17.65
CA LEU B 123 -6.52 13.92 17.89
C LEU B 123 -8.00 14.04 18.23
N LYS B 124 -8.32 14.72 19.34
CA LYS B 124 -9.66 14.95 19.85
C LYS B 124 -10.61 15.54 18.79
N SER B 125 -10.12 16.48 17.99
CA SER B 125 -10.92 17.14 16.96
C SER B 125 -11.26 16.22 15.80
N LEU B 126 -10.32 15.36 15.43
CA LEU B 126 -10.52 14.40 14.34
C LEU B 126 -11.47 13.28 14.77
N LEU B 127 -11.38 12.86 16.04
CA LEU B 127 -12.25 11.84 16.61
C LEU B 127 -13.70 12.30 16.60
N GLU B 128 -13.98 13.57 16.96
CA GLU B 128 -15.34 14.13 16.93
C GLU B 128 -15.89 14.18 15.49
N ARG B 129 -15.04 14.29 14.46
CA ARG B 129 -15.44 14.29 13.04
C ARG B 129 -15.93 12.88 12.61
N ILE B 130 -15.15 11.84 12.99
CA ILE B 130 -15.41 10.42 12.74
C ILE B 130 -16.56 9.90 13.63
N LEU B 131 -16.64 10.35 14.91
CA LEU B 131 -17.71 9.94 15.80
C LEU B 131 -19.04 10.45 15.29
N SER B 132 -19.13 11.76 14.94
CA SER B 132 -20.34 12.38 14.35
C SER B 132 -20.78 11.67 13.06
N THR B 133 -19.83 11.22 12.19
CA THR B 133 -20.19 10.48 10.97
C THR B 133 -20.85 9.13 11.28
N PHE B 134 -20.12 8.22 11.97
CA PHE B 134 -20.61 6.89 12.40
C PHE B 134 -21.98 6.96 13.10
N ARG B 135 -22.20 7.99 13.95
CA ARG B 135 -23.43 8.19 14.72
C ARG B 135 -24.66 8.50 13.88
N GLU B 136 -24.47 9.03 12.63
CA GLU B 136 -25.55 9.40 11.71
C GLU B 136 -26.48 8.21 11.44
N PRO B 137 -27.81 8.37 11.59
CA PRO B 137 -28.71 7.22 11.36
C PRO B 137 -28.79 6.83 9.89
N VAL B 138 -29.01 5.55 9.63
CA VAL B 138 -29.14 5.00 8.29
C VAL B 138 -30.63 4.68 8.10
N ARG B 139 -31.28 5.31 7.10
CA ARG B 139 -32.69 5.04 6.79
C ARG B 139 -32.78 3.82 5.86
N VAL B 140 -33.50 2.77 6.30
CA VAL B 140 -33.73 1.54 5.54
C VAL B 140 -35.13 1.01 5.87
N GLU B 141 -36.05 1.06 4.87
CA GLU B 141 -37.48 0.71 4.96
C GLU B 141 -38.22 1.56 6.02
N ASN B 142 -37.84 2.86 6.11
CA ASN B 142 -38.32 3.91 7.05
C ASN B 142 -37.62 3.89 8.38
N LYS B 143 -37.34 2.68 8.92
CA LYS B 143 -36.69 2.51 10.22
C LYS B 143 -35.42 3.30 10.27
N HIS B 144 -35.29 4.12 11.32
CA HIS B 144 -34.09 4.89 11.59
C HIS B 144 -33.20 3.86 12.28
N LEU B 145 -32.11 3.46 11.63
CA LEU B 145 -31.19 2.47 12.21
C LEU B 145 -29.85 3.12 12.53
N SER B 146 -29.49 3.13 13.82
CA SER B 146 -28.27 3.77 14.28
C SER B 146 -27.29 2.83 14.97
N VAL B 147 -26.00 2.99 14.65
CA VAL B 147 -24.96 2.24 15.33
C VAL B 147 -24.21 3.18 16.28
N THR B 148 -23.69 2.65 17.37
CA THR B 148 -22.93 3.48 18.29
C THR B 148 -21.43 3.08 18.27
N PRO B 149 -20.53 4.03 17.92
CA PRO B 149 -19.11 3.69 17.86
C PRO B 149 -18.39 3.80 19.20
N ASN B 150 -17.31 3.03 19.33
CA ASN B 150 -16.33 3.04 20.41
C ASN B 150 -15.00 2.95 19.69
N ILE B 151 -14.13 3.94 19.95
CA ILE B 151 -12.85 4.06 19.26
C ILE B 151 -11.66 3.94 20.20
N GLY B 152 -10.73 3.08 19.82
CA GLY B 152 -9.45 2.87 20.46
C GLY B 152 -8.43 3.51 19.58
N VAL B 153 -7.46 4.24 20.17
CA VAL B 153 -6.46 4.98 19.40
C VAL B 153 -5.06 4.53 19.76
N ALA B 154 -4.22 4.24 18.75
CA ALA B 154 -2.82 3.91 19.00
C ALA B 154 -1.97 4.76 18.10
N ARG B 155 -0.81 5.18 18.58
CA ARG B 155 0.10 6.08 17.88
C ARG B 155 1.43 5.40 17.55
N PHE B 156 1.94 5.67 16.36
CA PHE B 156 3.23 5.24 15.91
C PHE B 156 4.16 6.49 15.95
N PRO B 157 5.40 6.46 16.52
CA PRO B 157 6.14 5.32 17.13
C PRO B 157 5.93 5.05 18.61
N GLU B 158 5.10 5.82 19.32
CA GLU B 158 4.88 5.65 20.77
C GLU B 158 4.34 4.27 21.18
N ASP B 159 3.30 3.78 20.50
CA ASP B 159 2.65 2.50 20.85
C ASP B 159 3.20 1.20 20.23
N GLY B 160 4.14 1.29 19.30
CA GLY B 160 4.72 0.13 18.64
C GLY B 160 5.59 0.39 17.42
N GLU B 161 6.20 -0.68 16.89
CA GLU B 161 7.10 -0.69 15.74
C GLU B 161 6.44 -1.19 14.47
N ASN B 162 5.52 -2.16 14.61
CA ASN B 162 4.75 -2.76 13.50
C ASN B 162 3.25 -2.65 13.72
N LEU B 163 2.46 -2.82 12.64
CA LEU B 163 1.00 -2.74 12.63
C LEU B 163 0.31 -3.62 13.62
N GLU B 164 0.78 -4.86 13.72
CA GLU B 164 0.31 -5.91 14.61
C GLU B 164 0.27 -5.39 16.06
N GLU B 165 1.38 -4.79 16.55
CA GLU B 165 1.51 -4.19 17.89
C GLU B 165 0.59 -3.00 18.06
N LEU B 166 0.47 -2.14 17.05
CA LEU B 166 -0.41 -0.96 17.14
C LEU B 166 -1.89 -1.36 17.18
N LEU B 167 -2.26 -2.42 16.44
CA LEU B 167 -3.64 -2.92 16.38
C LEU B 167 -4.09 -3.58 17.66
N LYS B 168 -3.17 -4.25 18.39
CA LYS B 168 -3.45 -4.93 19.66
C LYS B 168 -3.68 -3.88 20.74
N VAL B 169 -2.92 -2.79 20.68
CA VAL B 169 -3.03 -1.65 21.60
C VAL B 169 -4.35 -0.86 21.31
N ALA B 170 -4.64 -0.55 20.03
CA ALA B 170 -5.90 0.17 19.68
C ALA B 170 -7.13 -0.72 19.95
N ASP B 171 -6.99 -2.06 19.80
CA ASP B 171 -8.08 -3.02 20.08
C ASP B 171 -8.43 -2.98 21.55
N MET B 172 -7.41 -3.09 22.40
CA MET B 172 -7.38 -3.02 23.87
C MET B 172 -8.04 -1.68 24.33
N ARG B 173 -7.58 -0.54 23.82
CA ARG B 173 -8.13 0.78 24.15
C ARG B 173 -9.59 0.96 23.65
N MET B 174 -9.97 0.35 22.52
CA MET B 174 -11.37 0.40 22.01
C MET B 174 -12.30 -0.29 22.99
N TYR B 175 -11.83 -1.41 23.57
CA TYR B 175 -12.54 -2.13 24.60
C TYR B 175 -12.62 -1.40 25.96
N LYS B 176 -11.62 -0.58 26.29
CA LYS B 176 -11.62 0.26 27.50
C LYS B 176 -12.63 1.37 27.31
N ALA B 177 -12.68 1.97 26.10
CA ALA B 177 -13.64 3.03 25.73
C ALA B 177 -15.10 2.51 25.85
N LYS B 178 -15.33 1.28 25.38
CA LYS B 178 -16.64 0.61 25.36
C LYS B 178 -17.17 0.48 26.80
N GLU B 179 -16.28 0.05 27.70
CA GLU B 179 -16.42 -0.16 29.14
C GLU B 179 -16.76 1.14 29.88
N MET B 180 -16.47 2.31 29.27
CA MET B 180 -16.67 3.65 29.84
C MET B 180 -17.72 4.53 29.12
N LYS B 181 -18.11 5.66 29.76
CA LYS B 181 -19.07 6.65 29.22
C LYS B 181 -18.62 7.26 27.89
N VAL B 182 -17.30 7.54 27.80
CA VAL B 182 -16.62 8.17 26.68
C VAL B 182 -16.67 7.28 25.39
N PRO B 183 -16.83 7.88 24.18
CA PRO B 183 -16.88 7.05 22.96
C PRO B 183 -15.51 6.77 22.32
N TYR B 184 -14.44 7.21 23.00
CA TYR B 184 -13.04 6.97 22.61
C TYR B 184 -12.10 6.88 23.80
N PHE B 185 -11.02 6.09 23.65
CA PHE B 185 -9.95 5.96 24.64
C PHE B 185 -8.61 5.96 23.90
N SER B 186 -7.69 6.86 24.29
CA SER B 186 -6.39 7.01 23.65
C SER B 186 -5.17 7.12 24.58
N LEU B 187 -5.36 7.01 25.91
CA LEU B 187 -4.23 7.17 26.85
C LEU B 187 -3.34 5.92 27.02
N SER B 188 -2.04 6.15 27.26
CA SER B 188 -1.03 5.12 27.54
C SER B 188 -1.31 4.37 28.86
C1 GOL C . 3.99 20.16 -6.48
O1 GOL C . 4.12 19.62 -5.17
C2 GOL C . 5.00 19.49 -7.43
O2 GOL C . 4.82 20.00 -8.77
C3 GOL C . 6.44 19.74 -6.96
O3 GOL C . 7.05 18.51 -6.55
O1 MES D . 16.71 14.91 6.70
C2 MES D . 16.68 13.58 6.08
C3 MES D . 15.83 13.60 4.79
N4 MES D . 15.29 14.96 4.48
C5 MES D . 16.34 16.03 4.54
C6 MES D . 17.17 15.99 5.85
C7 MES D . 14.70 15.04 3.13
C8 MES D . 13.42 14.21 2.98
S MES D . 12.05 14.91 3.96
O1S MES D . 12.58 15.62 5.21
O2S MES D . 11.28 15.91 3.09
O3S MES D . 11.14 13.76 4.40
P1 C2E E . 22.06 0.78 4.07
O2P C2E E . 22.75 -0.40 4.66
O1P C2E E . 22.90 1.95 3.72
O5' C2E E . 20.84 1.31 5.03
C5' C2E E . 20.21 0.45 6.05
C4' C2E E . 18.98 1.10 6.73
O4' C2E E . 19.33 2.10 7.71
C3' C2E E . 18.04 1.79 5.74
O3' C2E E . 17.13 0.80 5.23
C2' C2E E . 17.32 2.80 6.62
O2' C2E E . 16.23 2.25 7.40
C1' C2E E . 18.41 3.24 7.59
N9 C2E E . 19.03 4.54 7.10
C8 C2E E . 20.28 4.66 6.66
N7 C2E E . 20.48 5.93 6.32
C5 C2E E . 19.33 6.58 6.44
C6 C2E E . 18.97 7.85 6.19
O6 C2E E . 19.94 8.69 5.74
N1 C2E E . 17.72 8.27 6.42
C2 C2E E . 16.80 7.40 6.90
N2 C2E E . 15.56 7.79 7.13
N3 C2E E . 17.16 6.13 7.16
C4 C2E E . 18.42 5.72 6.92
P11 C2E E . 16.39 0.92 3.81
O21 C2E E . 15.69 2.23 3.77
O11 C2E E . 15.61 -0.35 3.70
O5A C2E E . 17.55 1.00 2.64
C5A C2E E . 18.16 -0.16 2.02
C4A C2E E . 19.41 0.20 1.18
O4A C2E E . 19.03 1.09 0.10
C3A C2E E . 20.44 1.01 1.97
O3A C2E E . 21.30 0.19 2.75
C2A C2E E . 21.22 1.72 0.88
O2A C2E E . 22.17 0.81 0.24
C1A C2E E . 20.12 2.08 -0.08
N91 C2E E . 19.69 3.51 0.05
C81 C2E E . 18.47 3.88 0.44
N71 C2E E . 18.35 5.19 0.31
C51 C2E E . 19.51 5.65 -0.14
C61 C2E E . 19.94 6.89 -0.38
O61 C2E E . 19.06 7.90 -0.16
N11 C2E E . 21.18 7.12 -0.87
C21 C2E E . 22.01 6.08 -1.07
N21 C2E E . 23.22 6.31 -1.57
N31 C2E E . 21.60 4.83 -0.78
C41 C2E E . 20.34 4.61 -0.31
P1 C2E F . 17.33 12.23 1.00
O2P C2E F . 17.04 13.55 1.61
O1P C2E F . 16.31 11.16 1.17
O5' C2E F . 18.78 11.61 1.54
C5' C2E F . 19.95 12.46 1.49
C4' C2E F . 21.34 11.75 1.59
O4' C2E F . 21.53 11.02 2.82
C3' C2E F . 21.67 10.77 0.47
O3' C2E F . 22.18 11.51 -0.67
C2' C2E F . 22.76 9.90 1.06
O2' C2E F . 24.00 10.64 1.06
C1' C2E F . 22.32 9.76 2.49
N9 C2E F . 21.51 8.52 2.72
C8 C2E F . 20.18 8.61 2.82
N7 C2E F . 19.68 7.40 3.01
C5 C2E F . 20.69 6.55 3.07
C6 C2E F . 20.72 5.22 3.24
O6 C2E F . 19.51 4.63 3.49
N1 C2E F . 21.87 4.54 3.21
C2 C2E F . 23.02 5.21 2.99
N2 C2E F . 24.18 4.56 2.94
N3 C2E F . 23.00 6.56 2.82
C4 C2E F . 21.83 7.23 2.87
P11 C2E F . 22.17 10.88 -2.18
O21 C2E F . 22.48 9.43 -2.16
O11 C2E F . 22.98 11.80 -3.04
O5A C2E F . 20.62 10.98 -2.58
C5A C2E F . 19.96 12.26 -2.50
C4A C2E F . 18.47 12.09 -2.76
O4A C2E F . 18.20 11.14 -3.85
C3A C2E F . 17.81 11.50 -1.53
O3A C2E F . 17.58 12.55 -0.55
C2A C2E F . 16.52 10.97 -2.14
O2A C2E F . 15.54 12.01 -2.41
C1A C2E F . 17.03 10.37 -3.47
N91 C2E F . 17.34 8.90 -3.33
C81 C2E F . 18.55 8.32 -3.28
N71 C2E F . 18.39 7.01 -3.17
C51 C2E F . 17.08 6.76 -3.10
C61 C2E F . 16.36 5.62 -2.97
O61 C2E F . 17.03 4.42 -2.85
N11 C2E F . 15.02 5.66 -2.94
C21 C2E F . 14.38 6.85 -3.04
N21 C2E F . 13.06 6.92 -3.01
N31 C2E F . 15.10 7.99 -3.19
C41 C2E F . 16.44 7.93 -3.21
P1 C2E G . -6.92 20.83 11.37
O2P C2E G . -6.87 21.59 12.66
O1P C2E G . -8.25 20.46 10.81
O5' C2E G . -5.94 19.51 11.45
C5' C2E G . -4.59 19.62 11.96
C4' C2E G . -3.68 18.38 11.68
O4' C2E G . -4.21 17.09 12.19
C3' C2E G . -3.38 18.18 10.21
O3' C2E G . -2.30 19.05 9.79
C2' C2E G . -2.91 16.70 10.20
O2' C2E G . -1.56 16.55 10.69
C1' C2E G . -3.93 16.08 11.17
N9 C2E G . -5.20 15.62 10.45
C8 C2E G . -6.36 16.26 10.44
N7 C2E G . -7.24 15.57 9.72
C5 C2E G . -6.62 14.49 9.23
C6 C2E G . -7.02 13.49 8.44
O6 C2E G . -8.30 13.47 7.95
N1 C2E G . -6.16 12.51 8.12
C2 C2E G . -4.89 12.55 8.54
N2 C2E G . -4.06 11.57 8.19
N3 C2E G . -4.48 13.55 9.34
C4 C2E G . -5.34 14.53 9.68
P11 C2E G . -2.06 19.46 8.26
O21 C2E G . -2.51 18.36 7.36
O11 C2E G . -0.65 19.90 8.15
O5A C2E G . -3.13 20.66 7.92
C5A C2E G . -3.49 21.76 8.79
C4A C2E G . -4.88 22.35 8.42
O4A C2E G . -5.14 22.46 7.00
C3A C2E G . -6.00 21.50 8.95
O3A C2E G . -6.16 21.80 10.33
C2A C2E G . -7.20 21.98 8.15
O2A C2E G . -7.78 23.16 8.71
C1A C2E G . -6.63 22.29 6.80
N91 C2E G . -6.98 21.17 5.89
C81 C2E G . -6.14 20.18 5.71
N71 C2E G . -6.67 19.26 4.92
C51 C2E G . -7.88 19.69 4.60
C61 C2E G . -8.83 19.15 3.84
O61 C2E G . -8.53 17.97 3.21
N11 C2E G . -10.00 19.77 3.66
C21 C2E G . -10.23 20.93 4.28
N21 C2E G . -11.40 21.55 4.10
N31 C2E G . -9.28 21.48 5.06
C41 C2E G . -8.10 20.85 5.22
C1 GOL H . -11.63 6.66 -2.13
O1 GOL H . -11.20 7.56 -1.11
C2 GOL H . -10.66 6.70 -3.31
O2 GOL H . -10.86 5.54 -4.13
C3 GOL H . -10.84 7.97 -4.14
O3 GOL H . -12.12 7.97 -4.82
C1 GOL I . -13.81 -9.83 0.85
O1 GOL I . -12.59 -9.12 0.82
C2 GOL I . -14.38 -9.98 2.28
O2 GOL I . -14.04 -8.87 3.13
C3 GOL I . -15.91 -10.15 2.18
O3 GOL I . -16.22 -11.49 1.75
P1 C2E J . -12.54 18.29 1.42
O2P C2E J . -12.19 19.37 2.36
O1P C2E J . -13.69 18.49 0.49
O5' C2E J . -11.20 17.95 0.56
C5' C2E J . -11.28 17.39 -0.78
C4' C2E J . -9.91 17.33 -1.42
O4' C2E J . -9.33 18.66 -1.59
C3' C2E J . -8.91 16.61 -0.50
O3' C2E J . -9.03 15.20 -0.63
C2' C2E J . -7.58 17.09 -1.04
O2' C2E J . -7.18 16.38 -2.26
C1' C2E J . -7.86 18.57 -1.32
N9 C2E J . -7.42 19.42 -0.16
C8 C2E J . -8.23 20.17 0.60
N7 C2E J . -7.51 20.79 1.53
C5 C2E J . -6.25 20.37 1.42
C6 C2E J . -5.13 20.66 2.10
O6 C2E J . -5.21 21.58 3.10
N1 C2E J . -3.95 20.13 1.74
C2 C2E J . -3.90 19.24 0.72
N2 C2E J . -2.74 18.68 0.40
N3 C2E J . -5.01 18.96 0.03
C4 C2E J . -6.19 19.52 0.36
P11 C2E J . -8.75 14.19 0.61
O21 C2E J . -7.36 14.43 1.06
O11 C2E J . -9.13 12.86 0.07
O5A C2E J . -9.74 14.62 1.87
C5A C2E J . -11.14 14.18 1.98
C4A C2E J . -11.92 14.84 3.16
O4A C2E J . -11.34 14.49 4.44
C3A C2E J . -11.86 16.36 3.12
O3A C2E J . -12.85 16.91 2.25
C2A C2E J . -12.11 16.76 4.57
O2A C2E J . -13.52 16.64 4.95
C1A C2E J . -11.34 15.70 5.29
N91 C2E J . -10.00 16.18 5.79
C81 C2E J . -8.86 15.65 5.38
N71 C2E J . -7.84 16.18 6.05
C51 C2E J . -8.35 17.09 6.87
C61 C2E J . -7.78 17.95 7.73
O61 C2E J . -6.43 17.88 7.85
N11 C2E J . -8.50 18.79 8.47
C21 C2E J . -9.85 18.78 8.36
N21 C2E J . -10.55 19.59 9.13
N31 C2E J . -10.45 17.95 7.48
C41 C2E J . -9.70 17.09 6.74
#